data_1K3C
#
_entry.id   1K3C
#
_cell.length_a   124.738
_cell.length_b   94.211
_cell.length_c   46.336
_cell.angle_alpha   90.00
_cell.angle_beta   96.05
_cell.angle_gamma   90.00
#
_symmetry.space_group_name_H-M   'C 1 2 1'
#
loop_
_entity.id
_entity.type
_entity.pdbx_description
1 polymer 'Phosphoenolpyruvate carboxykinase'
2 non-polymer 'MAGNESIUM ION'
3 non-polymer "ADENOSINE-5'-DIPHOSPHATE"
4 non-polymer 'ALUMINUM FLUORIDE'
5 non-polymer 'PYRUVIC ACID'
6 water water
#
_entity_poly.entity_id   1
_entity_poly.type   'polypeptide(L)'
_entity_poly.pdbx_seq_one_letter_code
;MRVNNGLTPQELEAYGISDVHDIVYNPSYDLLYQEELDPSLTGYERGVLTNLGAVAVDTGIFTGRSPKDKYIVRDDTTRD
TFWWADKGKGKNDNKPLSPETWQHLKGLVTRQLSGKRLFVVDAFCGANPDTRLSVRFITEVAWQAHFVKNMFIRPSDEEL
AGFKPDFIVMNGAKCTNPQWKEQGLNSENFVAFNLTERMQLIGGTWYGGEMKKGMFSMMNYLLPLKGIASMHCSANVGEK
GDVAVFFGLSGTGKTTLSTDPKRRLIGDDEHGWDDDGVFNFEGGCYAKTIKLSKEAEPEIYNAIRRDALLENVTVREDGT
IDFDDGSKTENTRVSYPIYHIDNIVKPVSKAGHATKVIFLTADAFGVLPPVSRLTADQTQYHFLSGFTAKLAGTERGITE
PTPTFSACFGAAFLSLHPTQYAEVLVKRMQAAGAQAYLVNTGWNGTGKRISIKDTRAIIDAILNGSLDNAETFTLPMFNL
AIPTELPGVDTKILDPRNTYASPEQWQEKAETLAKLFIDNFDKYTDTPAGAALVAAGPKL
;
_entity_poly.pdbx_strand_id   A
#
loop_
_chem_comp.id
_chem_comp.type
_chem_comp.name
_chem_comp.formula
ADP non-polymer ADENOSINE-5'-DIPHOSPHATE 'C10 H15 N5 O10 P2'
AF3 non-polymer 'ALUMINUM FLUORIDE' 'Al F3'
MG non-polymer 'MAGNESIUM ION' 'Mg 2'
PYR non-polymer 'PYRUVIC ACID' 'C3 H4 O3'
#
# COMPACT_ATOMS: atom_id res chain seq x y z
N GLY A 6 -23.34 -3.58 21.63
CA GLY A 6 -22.57 -2.39 21.19
C GLY A 6 -21.29 -2.18 21.98
N LEU A 7 -21.25 -1.10 22.75
CA LEU A 7 -20.09 -0.76 23.56
C LEU A 7 -20.49 0.14 24.73
N THR A 8 -19.95 -0.15 25.92
CA THR A 8 -20.24 0.64 27.12
C THR A 8 -19.10 1.59 27.48
N PRO A 9 -19.41 2.65 28.25
CA PRO A 9 -18.41 3.64 28.69
C PRO A 9 -17.40 3.05 29.67
N GLN A 10 -17.75 1.93 30.29
CA GLN A 10 -16.86 1.26 31.24
C GLN A 10 -15.75 0.52 30.52
N GLU A 11 -16.06 0.06 29.31
CA GLU A 11 -15.08 -0.66 28.48
C GLU A 11 -14.09 0.32 27.86
N LEU A 12 -14.60 1.49 27.47
CA LEU A 12 -13.75 2.52 26.90
C LEU A 12 -12.83 3.05 27.99
N GLU A 13 -13.29 2.95 29.24
CA GLU A 13 -12.52 3.39 30.40
C GLU A 13 -11.36 2.45 30.68
N ALA A 14 -11.55 1.18 30.33
CA ALA A 14 -10.51 0.17 30.51
C ALA A 14 -9.33 0.53 29.60
N TYR A 15 -9.63 1.19 28.49
CA TYR A 15 -8.61 1.62 27.53
C TYR A 15 -7.89 2.85 28.10
N GLY A 16 -8.60 3.63 28.90
CA GLY A 16 -8.04 4.82 29.50
C GLY A 16 -8.80 6.09 29.10
N ILE A 17 -9.89 5.93 28.34
CA ILE A 17 -10.68 7.06 27.88
C ILE A 17 -11.82 7.30 28.86
N SER A 18 -11.85 8.50 29.44
CA SER A 18 -12.85 8.84 30.44
C SER A 18 -13.92 9.82 29.96
N ASP A 19 -14.99 9.92 30.76
CA ASP A 19 -16.11 10.83 30.50
C ASP A 19 -16.70 10.82 29.10
N VAL A 20 -16.74 9.64 28.48
CA VAL A 20 -17.31 9.55 27.14
C VAL A 20 -18.83 9.48 27.33
N HIS A 21 -19.51 10.54 26.91
CA HIS A 21 -20.95 10.58 27.04
C HIS A 21 -21.64 9.99 25.80
N ASP A 22 -21.25 10.51 24.64
CA ASP A 22 -21.81 10.07 23.36
C ASP A 22 -20.88 9.08 22.66
N ILE A 23 -21.42 7.89 22.37
CA ILE A 23 -20.67 6.84 21.71
C ILE A 23 -21.43 6.33 20.50
N VAL A 24 -20.79 6.39 19.34
CA VAL A 24 -21.38 5.91 18.11
C VAL A 24 -20.66 4.62 17.73
N TYR A 25 -21.19 3.50 18.17
CA TYR A 25 -20.58 2.21 17.87
C TYR A 25 -21.08 1.69 16.51
N ASN A 26 -20.16 1.18 15.70
CA ASN A 26 -20.48 0.64 14.38
C ASN A 26 -21.37 1.59 13.57
N PRO A 27 -20.90 2.81 13.31
CA PRO A 27 -21.68 3.78 12.54
C PRO A 27 -22.05 3.29 11.15
N SER A 28 -23.28 3.58 10.72
CA SER A 28 -23.73 3.18 9.40
C SER A 28 -23.17 4.17 8.40
N TYR A 29 -23.31 3.84 7.11
CA TYR A 29 -22.83 4.72 6.02
C TYR A 29 -23.72 5.95 5.93
N ASP A 30 -25.00 5.78 6.26
CA ASP A 30 -25.95 6.89 6.22
C ASP A 30 -25.65 7.87 7.33
N LEU A 31 -25.28 7.36 8.51
CA LEU A 31 -24.94 8.25 9.60
C LEU A 31 -23.64 8.99 9.25
N LEU A 32 -22.62 8.25 8.81
CA LEU A 32 -21.34 8.85 8.43
C LEU A 32 -21.53 9.91 7.36
N TYR A 33 -22.52 9.68 6.51
CA TYR A 33 -22.82 10.61 5.44
C TYR A 33 -23.33 11.96 5.99
N GLN A 34 -24.27 11.92 6.93
CA GLN A 34 -24.81 13.16 7.52
C GLN A 34 -23.82 13.83 8.47
N GLU A 35 -22.98 13.02 9.10
CA GLU A 35 -21.95 13.51 10.01
C GLU A 35 -20.95 14.41 9.30
N GLU A 36 -20.53 13.98 8.11
CA GLU A 36 -19.57 14.73 7.31
C GLU A 36 -20.17 15.97 6.66
N LEU A 37 -21.46 15.89 6.33
CA LEU A 37 -22.16 16.99 5.69
C LEU A 37 -22.73 18.06 6.63
N ASP A 38 -22.60 17.84 7.94
CA ASP A 38 -23.04 18.74 9.01
C ASP A 38 -22.53 20.18 8.78
N PRO A 39 -23.45 21.14 8.52
CA PRO A 39 -23.11 22.54 8.26
C PRO A 39 -22.35 23.26 9.39
N SER A 40 -22.47 22.76 10.61
CA SER A 40 -21.79 23.37 11.74
C SER A 40 -20.43 22.76 12.06
N LEU A 41 -19.83 22.07 11.08
CA LEU A 41 -18.51 21.49 11.27
C LEU A 41 -17.46 22.53 10.86
N THR A 42 -16.30 22.49 11.51
CA THR A 42 -15.21 23.41 11.21
C THR A 42 -13.94 22.68 10.79
N GLY A 43 -13.15 23.34 9.97
CA GLY A 43 -11.88 22.79 9.52
C GLY A 43 -11.88 21.45 8.81
N TYR A 44 -10.89 20.64 9.16
CA TYR A 44 -10.68 19.33 8.55
C TYR A 44 -11.71 18.25 8.76
N GLU A 45 -12.64 18.46 9.68
CA GLU A 45 -13.69 17.47 9.90
C GLU A 45 -14.74 17.62 8.81
N ARG A 46 -14.81 18.81 8.23
CA ARG A 46 -15.77 19.14 7.19
C ARG A 46 -15.69 18.33 5.92
N GLY A 47 -16.86 18.05 5.38
CA GLY A 47 -16.98 17.32 4.14
C GLY A 47 -17.94 18.07 3.24
N VAL A 48 -17.69 17.99 1.93
CA VAL A 48 -18.57 18.64 0.98
C VAL A 48 -19.07 17.55 0.06
N LEU A 49 -20.23 17.77 -0.54
CA LEU A 49 -20.81 16.79 -1.44
C LEU A 49 -20.43 17.13 -2.88
N THR A 50 -19.89 16.15 -3.59
CA THR A 50 -19.49 16.34 -4.98
C THR A 50 -20.66 15.89 -5.87
N ASN A 51 -20.65 16.34 -7.13
CA ASN A 51 -21.71 15.98 -8.08
C ASN A 51 -21.80 14.49 -8.40
N LEU A 52 -20.78 13.73 -7.96
CA LEU A 52 -20.75 12.29 -8.17
C LEU A 52 -21.43 11.56 -7.00
N GLY A 53 -21.92 12.32 -6.02
CA GLY A 53 -22.61 11.73 -4.88
C GLY A 53 -21.72 11.35 -3.73
N ALA A 54 -20.41 11.48 -3.92
CA ALA A 54 -19.47 11.16 -2.86
C ALA A 54 -19.01 12.40 -2.10
N VAL A 55 -18.80 12.23 -0.80
CA VAL A 55 -18.33 13.33 0.03
C VAL A 55 -16.81 13.44 -0.11
N ALA A 56 -16.30 14.67 -0.14
CA ALA A 56 -14.87 14.94 -0.22
C ALA A 56 -14.42 15.68 1.04
N VAL A 57 -13.29 15.26 1.61
CA VAL A 57 -12.74 15.90 2.81
C VAL A 57 -11.26 16.22 2.60
N ASP A 58 -10.72 17.02 3.52
CA ASP A 58 -9.31 17.39 3.51
C ASP A 58 -8.69 16.65 4.69
N THR A 59 -7.57 15.98 4.47
CA THR A 59 -6.91 15.23 5.54
C THR A 59 -6.00 16.13 6.39
N GLY A 60 -6.00 17.42 6.06
CA GLY A 60 -5.20 18.35 6.84
C GLY A 60 -3.81 18.64 6.34
N ILE A 61 -2.94 19.02 7.27
CA ILE A 61 -1.56 19.32 6.92
C ILE A 61 -0.92 18.05 6.37
N PHE A 62 -1.22 16.93 7.02
CA PHE A 62 -0.69 15.65 6.58
C PHE A 62 -1.54 15.13 5.45
N THR A 63 -0.89 15.06 4.30
CA THR A 63 -1.50 14.65 3.05
C THR A 63 -0.90 13.33 2.55
N GLY A 64 -0.10 12.70 3.41
CA GLY A 64 0.54 11.45 3.09
C GLY A 64 1.03 10.89 4.41
N ARG A 65 1.59 9.69 4.40
CA ARG A 65 2.09 9.12 5.65
C ARG A 65 3.29 9.91 6.16
N SER A 66 3.68 9.66 7.40
CA SER A 66 4.80 10.37 7.98
C SER A 66 5.71 9.29 8.57
N PRO A 67 6.54 8.66 7.72
CA PRO A 67 7.46 7.61 8.15
C PRO A 67 8.43 8.05 9.25
N LYS A 68 8.79 9.33 9.23
CA LYS A 68 9.70 9.92 10.21
C LYS A 68 9.17 9.95 11.63
N ASP A 69 7.85 9.83 11.74
CA ASP A 69 7.17 9.83 13.04
C ASP A 69 6.70 8.45 13.48
N LYS A 70 7.14 7.41 12.79
CA LYS A 70 6.74 6.05 13.15
C LYS A 70 7.68 5.44 14.19
N TYR A 71 7.10 4.92 15.27
CA TYR A 71 7.88 4.30 16.35
C TYR A 71 7.20 3.03 16.86
N ILE A 72 8.02 2.06 17.25
CA ILE A 72 7.54 0.80 17.78
C ILE A 72 8.22 0.58 19.12
N VAL A 73 7.43 0.28 20.14
CA VAL A 73 7.96 0.06 21.48
C VAL A 73 8.89 -1.16 21.56
N ARG A 74 10.15 -0.92 21.90
CA ARG A 74 11.12 -2.00 22.04
C ARG A 74 11.05 -2.57 23.44
N ASP A 75 10.55 -3.78 23.54
CA ASP A 75 10.43 -4.46 24.82
C ASP A 75 10.85 -5.92 24.63
N ASP A 76 10.59 -6.77 25.62
CA ASP A 76 10.99 -8.16 25.52
C ASP A 76 10.23 -9.01 24.51
N THR A 77 9.19 -8.42 23.91
CA THR A 77 8.38 -9.11 22.90
C THR A 77 8.84 -8.75 21.49
N THR A 78 9.34 -7.53 21.29
CA THR A 78 9.79 -7.09 19.98
C THR A 78 11.30 -6.96 19.84
N ARG A 79 12.01 -7.01 20.97
CA ARG A 79 13.46 -6.82 20.97
C ARG A 79 14.22 -7.65 19.95
N ASP A 80 14.07 -8.97 20.04
CA ASP A 80 14.79 -9.89 19.15
C ASP A 80 14.08 -10.30 17.87
N THR A 81 12.90 -9.74 17.62
CA THR A 81 12.15 -10.12 16.42
C THR A 81 11.92 -9.01 15.41
N PHE A 82 11.91 -7.77 15.86
CA PHE A 82 11.69 -6.65 14.97
C PHE A 82 12.89 -6.23 14.15
N TRP A 83 12.61 -5.68 12.99
CA TRP A 83 13.63 -5.18 12.07
C TRP A 83 13.82 -3.72 12.51
N TRP A 84 14.63 -3.54 13.56
CA TRP A 84 14.92 -2.24 14.14
C TRP A 84 15.75 -1.34 13.26
N ALA A 85 15.37 -0.08 13.22
CA ALA A 85 16.06 0.92 12.41
C ALA A 85 17.46 1.24 12.96
N ASP A 86 17.70 0.91 14.21
CA ASP A 86 19.00 1.21 14.80
C ASP A 86 19.93 0.02 14.99
N LYS A 87 19.52 -1.16 14.57
CA LYS A 87 20.37 -2.35 14.70
C LYS A 87 21.32 -2.49 13.51
N GLY A 88 21.38 -1.46 12.67
CA GLY A 88 22.26 -1.44 11.53
C GLY A 88 22.12 -2.58 10.51
N LYS A 89 20.89 -3.01 10.26
CA LYS A 89 20.65 -4.09 9.30
C LYS A 89 19.73 -3.63 8.17
N GLY A 90 20.06 -2.47 7.58
CA GLY A 90 19.27 -1.93 6.50
C GLY A 90 18.45 -0.73 6.95
N LYS A 91 18.15 0.17 6.01
CA LYS A 91 17.38 1.36 6.31
C LYS A 91 15.89 1.11 6.43
N ASN A 92 15.33 1.42 7.59
CA ASN A 92 13.90 1.29 7.83
C ASN A 92 13.40 2.34 8.83
N ASP A 93 12.08 2.46 8.93
CA ASP A 93 11.44 3.44 9.81
C ASP A 93 10.96 2.87 11.13
N ASN A 94 11.41 1.67 11.49
CA ASN A 94 10.99 1.05 12.75
C ASN A 94 11.88 1.54 13.89
N LYS A 95 11.76 2.83 14.21
CA LYS A 95 12.54 3.45 15.27
C LYS A 95 12.06 2.94 16.61
N PRO A 96 12.98 2.61 17.53
CA PRO A 96 12.59 2.10 18.85
C PRO A 96 12.01 3.18 19.79
N LEU A 97 11.04 2.76 20.60
CA LEU A 97 10.39 3.65 21.55
C LEU A 97 10.39 2.96 22.91
N SER A 98 10.65 3.73 23.97
CA SER A 98 10.67 3.19 25.34
C SER A 98 9.25 2.95 25.84
N PRO A 99 9.06 1.99 26.73
CA PRO A 99 7.73 1.72 27.27
C PRO A 99 7.20 2.98 27.98
N GLU A 100 8.12 3.73 28.59
CA GLU A 100 7.82 4.97 29.32
C GLU A 100 7.29 6.11 28.46
N THR A 101 7.91 6.35 27.32
CA THR A 101 7.45 7.40 26.43
C THR A 101 6.11 7.01 25.80
N TRP A 102 5.91 5.70 25.60
CA TRP A 102 4.67 5.20 25.01
C TRP A 102 3.52 5.60 25.93
N GLN A 103 3.70 5.35 27.23
CA GLN A 103 2.69 5.67 28.24
C GLN A 103 2.32 7.15 28.23
N HIS A 104 3.30 8.00 27.93
CA HIS A 104 3.05 9.43 27.86
C HIS A 104 2.18 9.72 26.64
N LEU A 105 2.49 9.06 25.52
CA LEU A 105 1.74 9.21 24.26
C LEU A 105 0.30 8.69 24.39
N LYS A 106 0.17 7.61 25.15
CA LYS A 106 -1.11 6.98 25.41
C LYS A 106 -1.92 7.94 26.30
N GLY A 107 -1.21 8.66 27.17
CA GLY A 107 -1.86 9.64 28.02
C GLY A 107 -2.41 10.75 27.16
N LEU A 108 -1.61 11.21 26.22
CA LEU A 108 -2.02 12.28 25.32
C LEU A 108 -3.26 11.95 24.49
N VAL A 109 -3.26 10.77 23.87
CA VAL A 109 -4.37 10.33 23.03
C VAL A 109 -5.65 10.04 23.79
N THR A 110 -5.55 9.23 24.85
CA THR A 110 -6.71 8.89 25.66
C THR A 110 -7.38 10.13 26.29
N ARG A 111 -6.58 11.12 26.71
CA ARG A 111 -7.09 12.36 27.30
C ARG A 111 -7.81 13.21 26.25
N GLN A 112 -7.26 13.22 25.03
CA GLN A 112 -7.83 13.97 23.91
C GLN A 112 -9.20 13.39 23.52
N LEU A 113 -9.32 12.07 23.60
CA LEU A 113 -10.55 11.38 23.25
C LEU A 113 -11.57 11.38 24.39
N SER A 114 -11.09 11.62 25.61
CA SER A 114 -11.94 11.67 26.79
C SER A 114 -12.87 12.88 26.75
N GLY A 115 -14.11 12.71 27.22
CA GLY A 115 -15.05 13.81 27.20
C GLY A 115 -15.49 14.23 25.81
N LYS A 116 -15.23 13.40 24.81
CA LYS A 116 -15.60 13.69 23.43
C LYS A 116 -16.66 12.72 22.97
N ARG A 117 -17.26 13.01 21.81
CA ARG A 117 -18.22 12.09 21.20
C ARG A 117 -17.29 11.15 20.42
N LEU A 118 -17.36 9.87 20.72
CA LEU A 118 -16.50 8.89 20.07
C LEU A 118 -17.17 7.91 19.10
N PHE A 119 -16.47 7.62 18.00
CA PHE A 119 -16.93 6.65 17.01
C PHE A 119 -16.09 5.40 17.24
N VAL A 120 -16.74 4.26 17.36
CA VAL A 120 -16.04 2.98 17.54
C VAL A 120 -16.36 2.00 16.42
N VAL A 121 -15.39 1.80 15.54
CA VAL A 121 -15.55 0.89 14.42
C VAL A 121 -14.79 -0.42 14.64
N ASP A 122 -15.54 -1.51 14.75
CA ASP A 122 -14.94 -2.83 14.91
C ASP A 122 -14.81 -3.40 13.49
N ALA A 123 -13.65 -3.95 13.18
CA ALA A 123 -13.40 -4.49 11.85
C ALA A 123 -12.33 -5.58 11.90
N PHE A 124 -12.12 -6.26 10.77
CA PHE A 124 -11.13 -7.32 10.65
C PHE A 124 -10.06 -6.92 9.65
N CYS A 125 -8.83 -7.38 9.89
CA CYS A 125 -7.72 -7.17 8.97
C CYS A 125 -7.33 -8.60 8.59
N GLY A 126 -7.67 -9.00 7.38
CA GLY A 126 -7.39 -10.36 6.94
C GLY A 126 -8.72 -11.06 6.70
N ALA A 127 -8.89 -11.62 5.51
CA ALA A 127 -10.13 -12.31 5.13
C ALA A 127 -10.41 -13.64 5.81
N ASN A 128 -9.36 -14.29 6.31
CA ASN A 128 -9.50 -15.59 6.97
C ASN A 128 -9.61 -15.50 8.48
N PRO A 129 -10.62 -16.18 9.06
CA PRO A 129 -10.86 -16.19 10.51
C PRO A 129 -9.66 -16.60 11.35
N ASP A 130 -8.89 -17.55 10.85
CA ASP A 130 -7.72 -18.07 11.55
C ASP A 130 -6.49 -17.17 11.70
N THR A 131 -6.33 -16.18 10.83
CA THR A 131 -5.17 -15.28 10.93
C THR A 131 -5.50 -13.79 10.98
N ARG A 132 -6.78 -13.44 10.87
CA ARG A 132 -7.19 -12.04 10.91
C ARG A 132 -7.10 -11.40 12.29
N LEU A 133 -7.01 -10.08 12.30
CA LEU A 133 -6.95 -9.32 13.54
C LEU A 133 -8.32 -8.68 13.76
N SER A 134 -8.81 -8.74 15.00
CA SER A 134 -10.07 -8.10 15.36
C SER A 134 -9.68 -6.73 15.89
N VAL A 135 -9.69 -5.74 15.02
CA VAL A 135 -9.29 -4.40 15.39
C VAL A 135 -10.45 -3.46 15.73
N ARG A 136 -10.30 -2.73 16.85
CA ARG A 136 -11.30 -1.75 17.26
C ARG A 136 -10.69 -0.38 17.07
N PHE A 137 -11.27 0.42 16.18
CA PHE A 137 -10.79 1.76 15.89
C PHE A 137 -11.62 2.75 16.70
N ILE A 138 -10.95 3.68 17.37
CA ILE A 138 -11.60 4.69 18.18
C ILE A 138 -11.17 6.04 17.65
N THR A 139 -12.14 6.88 17.29
CA THR A 139 -11.83 8.19 16.72
C THR A 139 -12.90 9.24 17.05
N GLU A 140 -12.57 10.50 16.86
CA GLU A 140 -13.53 11.58 17.14
C GLU A 140 -13.88 12.36 15.87
N VAL A 141 -13.35 11.90 14.74
CA VAL A 141 -13.62 12.51 13.45
C VAL A 141 -14.40 11.48 12.63
N ALA A 142 -15.58 11.86 12.15
CA ALA A 142 -16.46 10.98 11.39
C ALA A 142 -15.87 10.42 10.08
N TRP A 143 -15.19 11.26 9.29
CA TRP A 143 -14.62 10.77 8.06
C TRP A 143 -13.51 9.75 8.28
N GLN A 144 -12.88 9.80 9.45
CA GLN A 144 -11.81 8.85 9.78
C GLN A 144 -12.42 7.49 10.08
N ALA A 145 -13.60 7.49 10.68
CA ALA A 145 -14.29 6.25 10.99
C ALA A 145 -14.78 5.66 9.66
N HIS A 146 -15.15 6.55 8.75
CA HIS A 146 -15.63 6.21 7.41
C HIS A 146 -14.49 5.54 6.64
N PHE A 147 -13.30 6.14 6.72
CA PHE A 147 -12.12 5.61 6.05
C PHE A 147 -11.89 4.15 6.45
N VAL A 148 -11.94 3.85 7.75
CA VAL A 148 -11.73 2.49 8.23
C VAL A 148 -12.91 1.55 7.99
N LYS A 149 -14.09 2.11 7.75
CA LYS A 149 -15.27 1.28 7.48
C LYS A 149 -15.10 0.82 6.04
N ASN A 150 -14.59 1.73 5.21
CA ASN A 150 -14.32 1.45 3.79
C ASN A 150 -13.16 0.48 3.61
N MET A 151 -12.02 0.77 4.25
CA MET A 151 -10.79 -0.01 4.11
C MET A 151 -10.58 -1.32 4.84
N PHE A 152 -11.31 -1.58 5.91
CA PHE A 152 -11.12 -2.84 6.59
C PHE A 152 -12.31 -3.73 6.34
N ILE A 153 -12.26 -4.97 6.81
CA ILE A 153 -13.35 -5.92 6.62
C ILE A 153 -14.49 -5.69 7.62
N ARG A 154 -15.64 -5.29 7.09
CA ARG A 154 -16.85 -5.01 7.86
C ARG A 154 -17.48 -6.30 8.36
N PRO A 155 -17.45 -6.54 9.68
CA PRO A 155 -18.05 -7.77 10.22
C PRO A 155 -19.56 -7.88 10.01
N SER A 156 -20.07 -9.09 10.23
CA SER A 156 -21.49 -9.36 10.11
C SER A 156 -22.03 -9.18 11.52
N ASP A 157 -23.36 -9.16 11.65
CA ASP A 157 -23.99 -8.99 12.96
C ASP A 157 -23.55 -10.07 13.94
N GLU A 158 -23.33 -11.29 13.44
CA GLU A 158 -22.92 -12.39 14.30
C GLU A 158 -21.47 -12.24 14.74
N GLU A 159 -20.64 -11.70 13.86
CA GLU A 159 -19.23 -11.47 14.19
C GLU A 159 -19.10 -10.31 15.17
N LEU A 160 -20.01 -9.34 15.04
CA LEU A 160 -20.03 -8.17 15.91
C LEU A 160 -20.52 -8.56 17.31
N ALA A 161 -21.41 -9.55 17.36
CA ALA A 161 -21.96 -10.02 18.62
C ALA A 161 -20.88 -10.51 19.57
N GLY A 162 -20.01 -11.40 19.09
CA GLY A 162 -18.94 -11.89 19.94
C GLY A 162 -17.56 -11.32 19.63
N PHE A 163 -17.52 -10.08 19.16
CA PHE A 163 -16.26 -9.42 18.80
C PHE A 163 -15.33 -9.10 19.97
N LYS A 164 -14.19 -9.78 20.02
CA LYS A 164 -13.18 -9.55 21.05
C LYS A 164 -11.95 -8.96 20.36
N PRO A 165 -11.69 -7.65 20.55
CA PRO A 165 -10.52 -7.00 19.93
C PRO A 165 -9.14 -7.61 20.22
N ASP A 166 -8.36 -7.77 19.15
CA ASP A 166 -7.00 -8.30 19.19
C ASP A 166 -6.02 -7.13 19.10
N PHE A 167 -6.52 -5.99 18.64
CA PHE A 167 -5.68 -4.83 18.49
C PHE A 167 -6.58 -3.60 18.56
N ILE A 168 -6.06 -2.51 19.14
CA ILE A 168 -6.82 -1.27 19.25
C ILE A 168 -6.03 -0.13 18.66
N VAL A 169 -6.66 0.67 17.83
CA VAL A 169 -6.00 1.82 17.25
C VAL A 169 -6.80 3.08 17.63
N MET A 170 -6.20 3.89 18.50
CA MET A 170 -6.80 5.12 18.97
C MET A 170 -6.23 6.26 18.17
N ASN A 171 -7.11 7.00 17.50
CA ASN A 171 -6.69 8.11 16.69
C ASN A 171 -6.88 9.46 17.41
N GLY A 172 -5.77 9.99 17.91
CA GLY A 172 -5.78 11.27 18.59
C GLY A 172 -5.16 12.32 17.70
N ALA A 173 -5.60 12.37 16.43
CA ALA A 173 -5.06 13.32 15.45
C ALA A 173 -5.11 14.79 15.86
N LYS A 174 -6.02 15.13 16.75
CA LYS A 174 -6.17 16.50 17.21
C LYS A 174 -5.13 16.90 18.27
N CYS A 175 -4.58 15.92 18.96
CA CYS A 175 -3.60 16.18 19.99
C CYS A 175 -2.18 16.07 19.44
N THR A 176 -1.24 16.76 20.10
CA THR A 176 0.17 16.76 19.71
C THR A 176 1.00 16.39 20.92
N ASN A 177 2.30 16.16 20.70
CA ASN A 177 3.20 15.78 21.79
C ASN A 177 4.15 16.94 22.07
N PRO A 178 3.94 17.64 23.21
CA PRO A 178 4.76 18.77 23.64
C PRO A 178 6.15 18.39 24.17
N GLN A 179 6.28 17.15 24.63
CA GLN A 179 7.54 16.66 25.19
C GLN A 179 8.45 15.92 24.21
N TRP A 180 8.21 16.09 22.91
CA TRP A 180 9.01 15.39 21.92
C TRP A 180 10.51 15.63 21.91
N LYS A 181 10.95 16.88 22.01
CA LYS A 181 12.37 17.21 22.03
C LYS A 181 13.11 16.50 23.15
N GLU A 182 12.51 16.51 24.34
CA GLU A 182 13.10 15.86 25.52
C GLU A 182 13.07 14.34 25.39
N GLN A 183 12.10 13.84 24.64
CA GLN A 183 11.93 12.39 24.42
C GLN A 183 12.70 11.81 23.23
N GLY A 184 13.35 12.69 22.47
CA GLY A 184 14.14 12.26 21.32
C GLY A 184 13.34 11.80 20.12
N LEU A 185 12.18 12.41 19.88
CA LEU A 185 11.34 12.03 18.75
C LEU A 185 11.56 13.00 17.60
N ASN A 186 10.94 12.71 16.46
CA ASN A 186 11.08 13.55 15.27
C ASN A 186 10.29 14.84 15.33
N SER A 187 9.11 14.78 15.93
CA SER A 187 8.25 15.96 16.06
C SER A 187 7.15 15.74 17.08
N GLU A 188 6.19 16.66 17.14
CA GLU A 188 5.07 16.54 18.07
C GLU A 188 4.04 15.51 17.59
N ASN A 189 4.19 15.08 16.35
CA ASN A 189 3.29 14.10 15.76
C ASN A 189 3.85 12.72 16.09
N PHE A 190 3.01 11.70 16.04
CA PHE A 190 3.45 10.33 16.36
C PHE A 190 2.51 9.24 15.86
N VAL A 191 3.10 8.14 15.41
CA VAL A 191 2.38 6.96 14.94
C VAL A 191 3.21 5.88 15.60
N ALA A 192 2.79 5.50 16.80
CA ALA A 192 3.51 4.53 17.60
C ALA A 192 2.77 3.22 17.70
N PHE A 193 3.50 2.13 17.95
CA PHE A 193 2.91 0.80 18.05
C PHE A 193 3.47 0.04 19.25
N ASN A 194 2.60 -0.63 19.97
CA ASN A 194 3.00 -1.40 21.14
C ASN A 194 2.44 -2.82 20.96
N LEU A 195 3.32 -3.76 20.64
CA LEU A 195 2.94 -5.16 20.44
C LEU A 195 2.62 -5.87 21.73
N THR A 196 3.10 -5.34 22.85
CA THR A 196 2.82 -5.94 24.15
C THR A 196 1.38 -5.58 24.55
N GLU A 197 0.99 -4.34 24.29
CA GLU A 197 -0.35 -3.87 24.62
C GLU A 197 -1.33 -3.95 23.43
N ARG A 198 -0.82 -4.42 22.28
CA ARG A 198 -1.61 -4.57 21.07
C ARG A 198 -2.36 -3.28 20.77
N MET A 199 -1.60 -2.21 20.50
CA MET A 199 -2.21 -0.92 20.28
C MET A 199 -1.41 -0.01 19.36
N GLN A 200 -2.12 0.86 18.66
CA GLN A 200 -1.50 1.84 17.78
C GLN A 200 -2.08 3.19 18.22
N LEU A 201 -1.21 4.20 18.32
CA LEU A 201 -1.61 5.54 18.71
C LEU A 201 -1.21 6.51 17.61
N ILE A 202 -2.08 7.48 17.34
CA ILE A 202 -1.80 8.48 16.32
C ILE A 202 -2.06 9.86 16.92
N GLY A 203 -1.18 10.81 16.62
CA GLY A 203 -1.34 12.16 17.11
C GLY A 203 -0.76 13.15 16.13
N GLY A 204 -1.43 14.27 15.94
CA GLY A 204 -0.94 15.30 15.03
C GLY A 204 -1.32 15.14 13.57
N THR A 205 -1.28 13.91 13.06
CA THR A 205 -1.65 13.66 11.66
C THR A 205 -3.05 13.10 11.55
N TRP A 206 -3.83 13.65 10.62
CA TRP A 206 -5.21 13.19 10.40
C TRP A 206 -5.27 12.06 9.36
N TYR A 207 -4.28 12.01 8.48
CA TYR A 207 -4.20 11.02 7.40
C TYR A 207 -4.61 9.60 7.80
N GLY A 208 -5.72 9.14 7.22
CA GLY A 208 -6.22 7.81 7.50
C GLY A 208 -5.27 6.68 7.11
N GLY A 209 -4.44 6.94 6.09
CA GLY A 209 -3.47 5.96 5.62
C GLY A 209 -2.56 5.43 6.71
N GLU A 210 -2.48 6.15 7.84
CA GLU A 210 -1.65 5.69 8.95
C GLU A 210 -2.27 4.47 9.62
N MET A 211 -3.59 4.41 9.69
CA MET A 211 -4.27 3.26 10.31
C MET A 211 -4.21 2.03 9.40
N LYS A 212 -4.44 2.27 8.11
CA LYS A 212 -4.42 1.26 7.05
C LYS A 212 -3.05 0.60 7.02
N LYS A 213 -2.04 1.38 6.71
CA LYS A 213 -0.68 0.87 6.65
C LYS A 213 -0.16 0.50 8.03
N GLY A 214 -0.87 0.95 9.06
CA GLY A 214 -0.48 0.65 10.43
C GLY A 214 -0.78 -0.79 10.80
N MET A 215 -1.96 -1.28 10.41
CA MET A 215 -2.33 -2.66 10.69
C MET A 215 -1.61 -3.59 9.71
N PHE A 216 -1.34 -3.09 8.52
CA PHE A 216 -0.61 -3.83 7.49
C PHE A 216 0.75 -4.21 8.07
N SER A 217 1.43 -3.23 8.69
CA SER A 217 2.74 -3.45 9.31
C SER A 217 2.65 -4.50 10.42
N MET A 218 1.49 -4.59 11.06
CA MET A 218 1.30 -5.57 12.13
C MET A 218 1.10 -6.95 11.51
N MET A 219 0.42 -6.99 10.35
CA MET A 219 0.21 -8.25 9.64
C MET A 219 1.56 -8.68 9.06
N ASN A 220 2.35 -7.69 8.64
CA ASN A 220 3.68 -7.92 8.07
C ASN A 220 4.61 -8.49 9.13
N TYR A 221 4.25 -8.30 10.39
CA TYR A 221 5.04 -8.81 11.49
C TYR A 221 4.58 -10.21 11.92
N LEU A 222 3.28 -10.34 12.11
CA LEU A 222 2.68 -11.59 12.58
C LEU A 222 2.62 -12.78 11.63
N LEU A 223 2.22 -12.53 10.38
CA LEU A 223 2.10 -13.60 9.39
C LEU A 223 3.38 -14.37 9.03
N PRO A 224 4.45 -13.68 8.57
CA PRO A 224 5.67 -14.44 8.23
C PRO A 224 6.22 -15.28 9.38
N LEU A 225 5.98 -14.86 10.61
CA LEU A 225 6.44 -15.61 11.79
C LEU A 225 5.68 -16.95 11.92
N LYS A 226 4.54 -17.05 11.22
CA LYS A 226 3.71 -18.25 11.20
C LYS A 226 3.80 -18.98 9.85
N GLY A 227 4.75 -18.56 9.00
CA GLY A 227 4.92 -19.20 7.70
C GLY A 227 4.03 -18.69 6.58
N ILE A 228 3.31 -17.61 6.83
CA ILE A 228 2.41 -17.02 5.85
C ILE A 228 3.03 -15.77 5.23
N ALA A 229 3.01 -15.68 3.91
CA ALA A 229 3.57 -14.51 3.24
C ALA A 229 2.60 -13.36 3.48
N SER A 230 3.15 -12.19 3.78
CA SER A 230 2.35 -10.99 3.98
C SER A 230 2.92 -10.14 2.87
N MET A 231 2.08 -9.73 1.94
CA MET A 231 2.55 -9.01 0.76
C MET A 231 1.93 -7.66 0.43
N HIS A 232 2.78 -6.75 -0.05
CA HIS A 232 2.34 -5.44 -0.46
C HIS A 232 2.03 -5.63 -1.94
N CYS A 233 0.83 -6.14 -2.21
CA CYS A 233 0.43 -6.41 -3.58
C CYS A 233 -1.05 -6.35 -3.87
N SER A 234 -1.33 -6.12 -5.14
CA SER A 234 -2.66 -6.10 -5.69
C SER A 234 -2.91 -7.58 -6.07
N ALA A 235 -4.13 -7.94 -6.41
CA ALA A 235 -4.43 -9.33 -6.76
C ALA A 235 -5.79 -9.57 -7.40
N ASN A 236 -5.82 -10.40 -8.44
CA ASN A 236 -7.07 -10.76 -9.09
C ASN A 236 -7.07 -12.20 -9.59
N VAL A 237 -8.24 -12.72 -9.93
CA VAL A 237 -8.34 -14.09 -10.39
C VAL A 237 -9.09 -14.19 -11.71
N GLY A 238 -8.68 -15.15 -12.55
CA GLY A 238 -9.33 -15.35 -13.83
C GLY A 238 -10.47 -16.32 -13.67
N GLU A 239 -11.33 -16.44 -14.68
CA GLU A 239 -12.46 -17.37 -14.58
C GLU A 239 -12.08 -18.85 -14.49
N LYS A 240 -10.79 -19.14 -14.71
CA LYS A 240 -10.28 -20.51 -14.65
C LYS A 240 -9.81 -20.82 -13.24
N GLY A 241 -9.53 -19.77 -12.48
CA GLY A 241 -9.06 -19.96 -11.11
C GLY A 241 -7.60 -19.60 -10.98
N ASP A 242 -7.04 -19.04 -12.04
CA ASP A 242 -5.64 -18.62 -12.06
C ASP A 242 -5.47 -17.26 -11.35
N VAL A 243 -4.68 -17.29 -10.28
CA VAL A 243 -4.44 -16.09 -9.48
C VAL A 243 -3.14 -15.40 -9.84
N ALA A 244 -3.21 -14.06 -9.86
CA ALA A 244 -2.06 -13.23 -10.14
C ALA A 244 -1.93 -12.21 -9.02
N VAL A 245 -0.68 -11.85 -8.69
CA VAL A 245 -0.41 -10.84 -7.67
C VAL A 245 0.52 -9.83 -8.33
N PHE A 246 0.27 -8.55 -8.08
CA PHE A 246 1.04 -7.47 -8.65
C PHE A 246 1.74 -6.68 -7.54
N PHE A 247 3.03 -6.91 -7.33
CA PHE A 247 3.80 -6.19 -6.32
C PHE A 247 4.17 -4.82 -6.90
N GLY A 248 4.59 -3.90 -6.05
CA GLY A 248 4.95 -2.59 -6.55
C GLY A 248 4.92 -1.51 -5.48
N LEU A 249 5.69 -0.46 -5.72
CA LEU A 249 5.75 0.65 -4.81
C LEU A 249 4.62 1.61 -5.14
N SER A 250 4.48 2.69 -4.37
CA SER A 250 3.39 3.62 -4.61
C SER A 250 3.43 4.24 -5.99
N GLY A 251 2.26 4.29 -6.65
CA GLY A 251 2.16 4.87 -7.98
C GLY A 251 2.59 3.99 -9.14
N THR A 252 2.92 2.72 -8.88
CA THR A 252 3.36 1.82 -9.95
C THR A 252 2.23 1.21 -10.78
N GLY A 253 1.06 1.02 -10.19
CA GLY A 253 -0.06 0.47 -10.94
C GLY A 253 -0.81 -0.68 -10.30
N LYS A 254 -0.54 -1.01 -9.04
CA LYS A 254 -1.23 -2.12 -8.41
C LYS A 254 -2.74 -2.00 -8.47
N THR A 255 -3.27 -0.83 -8.15
CA THR A 255 -4.71 -0.60 -8.16
C THR A 255 -5.27 -0.38 -9.57
N THR A 256 -4.52 0.32 -10.40
CA THR A 256 -4.94 0.60 -11.77
C THR A 256 -5.03 -0.67 -12.61
N LEU A 257 -4.00 -1.50 -12.50
CA LEU A 257 -3.93 -2.72 -13.30
C LEU A 257 -4.67 -3.96 -12.81
N SER A 258 -4.84 -4.13 -11.51
CA SER A 258 -5.56 -5.29 -10.99
C SER A 258 -7.07 -5.11 -11.21
N THR A 259 -7.49 -3.86 -11.35
CA THR A 259 -8.90 -3.54 -11.58
C THR A 259 -9.13 -3.66 -13.08
N ASP A 260 -9.25 -4.91 -13.49
CA ASP A 260 -9.45 -5.30 -14.88
C ASP A 260 -10.80 -6.01 -14.93
N PRO A 261 -11.69 -5.59 -15.84
CA PRO A 261 -13.03 -6.20 -15.98
C PRO A 261 -13.00 -7.69 -16.37
N LYS A 262 -11.93 -8.12 -17.04
CA LYS A 262 -11.77 -9.51 -17.45
C LYS A 262 -11.41 -10.45 -16.31
N ARG A 263 -11.16 -9.90 -15.14
CA ARG A 263 -10.79 -10.72 -13.96
C ARG A 263 -11.52 -10.24 -12.72
N ARG A 264 -11.67 -11.13 -11.75
CA ARG A 264 -12.33 -10.83 -10.49
C ARG A 264 -11.30 -10.28 -9.51
N LEU A 265 -11.56 -9.07 -9.00
CA LEU A 265 -10.68 -8.40 -8.05
C LEU A 265 -10.70 -9.12 -6.71
N ILE A 266 -9.52 -9.45 -6.20
CA ILE A 266 -9.42 -10.09 -4.90
C ILE A 266 -9.13 -8.98 -3.89
N GLY A 267 -8.21 -8.10 -4.24
CA GLY A 267 -7.82 -6.98 -3.40
C GLY A 267 -6.92 -6.05 -4.16
N ASP A 268 -6.63 -4.86 -3.63
CA ASP A 268 -5.78 -3.96 -4.38
C ASP A 268 -4.48 -3.53 -3.71
N ASP A 269 -4.19 -4.00 -2.50
CA ASP A 269 -2.98 -3.50 -1.85
C ASP A 269 -2.29 -4.38 -0.81
N GLU A 270 -3.05 -5.16 -0.06
CA GLU A 270 -2.47 -5.99 0.99
C GLU A 270 -3.05 -7.40 0.97
N HIS A 271 -2.17 -8.41 0.86
CA HIS A 271 -2.62 -9.79 0.84
C HIS A 271 -1.67 -10.74 1.54
N GLY A 272 -2.20 -11.86 2.00
CA GLY A 272 -1.40 -12.87 2.64
C GLY A 272 -1.39 -14.07 1.71
N TRP A 273 -0.54 -15.04 1.99
CA TRP A 273 -0.45 -16.24 1.15
C TRP A 273 -0.14 -17.39 2.08
N ASP A 274 -1.17 -18.14 2.45
CA ASP A 274 -1.02 -19.27 3.34
C ASP A 274 -1.09 -20.60 2.59
N ASP A 275 -1.37 -21.67 3.33
CA ASP A 275 -1.48 -23.01 2.77
C ASP A 275 -2.61 -23.18 1.76
N ASP A 276 -3.59 -22.29 1.79
CA ASP A 276 -4.73 -22.37 0.88
C ASP A 276 -4.67 -21.39 -0.27
N GLY A 277 -3.91 -20.32 -0.12
CA GLY A 277 -3.81 -19.36 -1.20
C GLY A 277 -3.63 -17.92 -0.79
N VAL A 278 -3.98 -17.03 -1.72
CA VAL A 278 -3.87 -15.60 -1.54
C VAL A 278 -5.15 -15.00 -0.96
N PHE A 279 -5.05 -14.33 0.19
CA PHE A 279 -6.20 -13.72 0.81
C PHE A 279 -6.02 -12.23 1.06
N ASN A 280 -7.08 -11.46 0.81
CA ASN A 280 -7.03 -10.02 1.00
C ASN A 280 -7.15 -9.69 2.49
N PHE A 281 -6.45 -8.64 2.89
CA PHE A 281 -6.46 -8.16 4.28
C PHE A 281 -7.56 -7.11 4.47
N GLU A 282 -7.86 -6.37 3.40
CA GLU A 282 -8.80 -5.28 3.46
C GLU A 282 -10.25 -5.48 3.02
N GLY A 283 -11.04 -4.42 3.18
CA GLY A 283 -12.44 -4.45 2.81
C GLY A 283 -12.74 -3.39 1.76
N GLY A 284 -11.70 -2.72 1.29
CA GLY A 284 -11.90 -1.70 0.28
C GLY A 284 -10.66 -1.43 -0.56
N CYS A 285 -10.78 -0.44 -1.43
CA CYS A 285 -9.69 -0.04 -2.31
C CYS A 285 -9.42 1.43 -2.07
N TYR A 286 -8.16 1.82 -2.21
CA TYR A 286 -7.71 3.18 -1.98
C TYR A 286 -7.07 3.70 -3.26
N ALA A 287 -7.90 4.17 -4.18
CA ALA A 287 -7.42 4.64 -5.46
C ALA A 287 -6.90 6.05 -5.54
N LYS A 288 -5.93 6.24 -6.42
CA LYS A 288 -5.34 7.54 -6.66
C LYS A 288 -6.27 8.23 -7.63
N THR A 289 -6.49 9.53 -7.43
CA THR A 289 -7.40 10.28 -8.27
C THR A 289 -6.75 11.40 -9.06
N ILE A 290 -5.44 11.59 -8.89
CA ILE A 290 -4.76 12.66 -9.62
C ILE A 290 -4.89 12.39 -11.11
N LYS A 291 -5.43 13.38 -11.82
CA LYS A 291 -5.65 13.29 -13.25
C LYS A 291 -6.46 12.07 -13.68
N LEU A 292 -7.32 11.59 -12.78
CA LEU A 292 -8.16 10.42 -13.04
C LEU A 292 -8.96 10.59 -14.32
N SER A 293 -9.01 9.52 -15.11
CA SER A 293 -9.73 9.53 -16.38
C SER A 293 -10.84 8.49 -16.34
N LYS A 294 -12.06 8.94 -16.63
CA LYS A 294 -13.23 8.08 -16.66
C LYS A 294 -13.09 7.06 -17.80
N GLU A 295 -12.46 7.50 -18.89
CA GLU A 295 -12.25 6.67 -20.07
C GLU A 295 -11.14 5.63 -19.88
N ALA A 296 -10.05 6.04 -19.24
CA ALA A 296 -8.91 5.16 -19.00
C ALA A 296 -9.10 4.26 -17.77
N GLU A 297 -9.89 4.74 -16.81
CA GLU A 297 -10.16 3.99 -15.58
C GLU A 297 -11.63 4.12 -15.21
N PRO A 298 -12.52 3.57 -16.06
CA PRO A 298 -13.98 3.60 -15.88
C PRO A 298 -14.46 2.95 -14.60
N GLU A 299 -13.95 1.76 -14.30
CA GLU A 299 -14.37 1.01 -13.11
C GLU A 299 -14.04 1.74 -11.81
N ILE A 300 -12.89 2.40 -11.79
CA ILE A 300 -12.47 3.15 -10.61
C ILE A 300 -13.27 4.44 -10.50
N TYR A 301 -13.51 5.07 -11.65
CA TYR A 301 -14.29 6.31 -11.71
C TYR A 301 -15.73 6.05 -11.29
N ASN A 302 -16.27 4.92 -11.75
CA ASN A 302 -17.64 4.52 -11.47
C ASN A 302 -17.83 4.21 -9.99
N ALA A 303 -16.74 3.80 -9.34
CA ALA A 303 -16.79 3.47 -7.92
C ALA A 303 -16.95 4.73 -7.04
N ILE A 304 -16.65 5.89 -7.61
CA ILE A 304 -16.77 7.16 -6.88
C ILE A 304 -18.22 7.62 -6.89
N ARG A 305 -18.88 7.43 -5.75
CA ARG A 305 -20.28 7.78 -5.56
C ARG A 305 -20.54 7.68 -4.08
N ARG A 306 -21.78 7.87 -3.65
CA ARG A 306 -22.13 7.80 -2.24
C ARG A 306 -21.46 6.61 -1.58
N ASP A 307 -20.84 6.86 -0.42
CA ASP A 307 -20.11 5.89 0.40
C ASP A 307 -18.61 5.85 0.10
N ALA A 308 -18.20 6.41 -1.04
CA ALA A 308 -16.78 6.49 -1.37
C ALA A 308 -16.38 7.79 -0.68
N LEU A 309 -15.15 7.86 -0.18
CA LEU A 309 -14.68 9.05 0.50
C LEU A 309 -13.51 9.71 -0.22
N LEU A 310 -13.79 10.81 -0.91
CA LEU A 310 -12.75 11.55 -1.62
C LEU A 310 -11.84 12.28 -0.63
N GLU A 311 -10.58 12.50 -1.03
CA GLU A 311 -9.60 13.16 -0.17
C GLU A 311 -8.71 14.16 -0.90
N ASN A 312 -8.65 15.37 -0.37
CA ASN A 312 -7.79 16.43 -0.88
C ASN A 312 -7.94 16.87 -2.33
N VAL A 313 -8.99 16.40 -2.99
CA VAL A 313 -9.24 16.77 -4.38
C VAL A 313 -9.88 18.17 -4.36
N THR A 314 -9.76 18.91 -5.46
CA THR A 314 -10.36 20.22 -5.52
C THR A 314 -11.79 20.16 -6.08
N VAL A 315 -12.73 20.55 -5.22
CA VAL A 315 -14.14 20.57 -5.57
C VAL A 315 -14.52 22.01 -5.87
N ARG A 316 -14.99 22.24 -7.10
CA ARG A 316 -15.41 23.56 -7.54
C ARG A 316 -16.71 23.98 -6.86
N GLU A 317 -17.15 25.20 -7.14
CA GLU A 317 -18.38 25.75 -6.58
C GLU A 317 -19.59 24.87 -6.84
N ASP A 318 -19.83 24.58 -8.11
CA ASP A 318 -20.96 23.77 -8.54
C ASP A 318 -20.92 22.31 -8.08
N GLY A 319 -19.88 21.94 -7.34
CA GLY A 319 -19.75 20.58 -6.83
C GLY A 319 -18.94 19.65 -7.72
N THR A 320 -18.57 20.08 -8.93
CA THR A 320 -17.78 19.22 -9.81
C THR A 320 -16.35 19.11 -9.30
N ILE A 321 -15.69 18.02 -9.66
CA ILE A 321 -14.33 17.79 -9.21
C ILE A 321 -13.30 18.03 -10.30
N ASP A 322 -12.19 18.67 -9.93
CA ASP A 322 -11.09 18.90 -10.86
C ASP A 322 -10.02 17.91 -10.41
N PHE A 323 -10.09 16.71 -10.96
CA PHE A 323 -9.15 15.64 -10.63
C PHE A 323 -7.72 15.94 -11.00
N ASP A 324 -7.52 16.80 -11.99
CA ASP A 324 -6.17 17.17 -12.43
C ASP A 324 -5.48 18.16 -11.50
N ASP A 325 -6.24 18.78 -10.60
CA ASP A 325 -5.71 19.76 -9.65
C ASP A 325 -4.99 19.10 -8.48
N GLY A 326 -3.67 19.17 -8.50
CA GLY A 326 -2.89 18.57 -7.43
C GLY A 326 -2.19 19.59 -6.56
N SER A 327 -2.72 20.81 -6.53
CA SER A 327 -2.15 21.90 -5.75
C SER A 327 -2.11 21.65 -4.25
N LYS A 328 -3.11 20.94 -3.73
CA LYS A 328 -3.17 20.60 -2.31
C LYS A 328 -2.20 19.44 -2.11
N THR A 329 -2.25 18.50 -3.04
CA THR A 329 -1.38 17.33 -3.03
C THR A 329 -1.51 16.54 -4.33
N GLU A 330 -0.47 15.81 -4.66
CA GLU A 330 -0.49 14.97 -5.84
C GLU A 330 -1.06 13.62 -5.36
N ASN A 331 -1.10 13.42 -4.04
CA ASN A 331 -1.61 12.20 -3.45
C ASN A 331 -3.12 12.23 -3.21
N THR A 332 -3.87 12.83 -4.14
CA THR A 332 -5.31 12.86 -3.99
C THR A 332 -5.75 11.40 -4.06
N ARG A 333 -6.81 11.06 -3.31
CA ARG A 333 -7.28 9.68 -3.25
C ARG A 333 -8.79 9.58 -3.15
N VAL A 334 -9.26 8.33 -3.09
CA VAL A 334 -10.66 8.00 -2.92
C VAL A 334 -10.75 6.57 -2.41
N SER A 335 -11.26 6.40 -1.20
CA SER A 335 -11.44 5.07 -0.64
C SER A 335 -12.89 4.68 -0.91
N TYR A 336 -13.15 3.38 -0.99
CA TYR A 336 -14.49 2.88 -1.24
C TYR A 336 -14.53 1.41 -0.91
N PRO A 337 -15.71 0.91 -0.54
CA PRO A 337 -15.80 -0.51 -0.22
C PRO A 337 -15.45 -1.28 -1.50
N ILE A 338 -14.87 -2.46 -1.36
CA ILE A 338 -14.49 -3.27 -2.52
C ILE A 338 -15.67 -3.58 -3.44
N TYR A 339 -16.87 -3.70 -2.88
CA TYR A 339 -18.06 -3.99 -3.68
C TYR A 339 -18.48 -2.87 -4.64
N HIS A 340 -17.76 -1.74 -4.61
CA HIS A 340 -18.05 -0.62 -5.52
C HIS A 340 -17.48 -0.98 -6.89
N ILE A 341 -16.68 -2.05 -6.92
CA ILE A 341 -16.10 -2.59 -8.15
C ILE A 341 -17.05 -3.75 -8.47
N ASP A 342 -17.59 -3.75 -9.68
CA ASP A 342 -18.56 -4.77 -10.06
C ASP A 342 -18.06 -6.21 -10.14
N ASN A 343 -16.88 -6.41 -10.74
CA ASN A 343 -16.35 -7.75 -10.87
C ASN A 343 -15.31 -8.08 -9.80
N ILE A 344 -15.77 -8.61 -8.67
CA ILE A 344 -14.86 -8.95 -7.58
C ILE A 344 -15.17 -10.32 -7.02
N VAL A 345 -14.24 -10.87 -6.25
CA VAL A 345 -14.46 -12.15 -5.63
C VAL A 345 -15.25 -11.90 -4.35
N LYS A 346 -16.26 -12.72 -4.11
CA LYS A 346 -17.11 -12.60 -2.94
C LYS A 346 -17.80 -13.94 -2.68
N PRO A 347 -18.33 -14.15 -1.47
CA PRO A 347 -18.35 -13.23 -0.32
C PRO A 347 -17.00 -12.94 0.32
N VAL A 348 -16.10 -13.91 0.32
CA VAL A 348 -14.77 -13.70 0.90
C VAL A 348 -13.76 -13.33 -0.19
N SER A 349 -12.92 -12.36 0.13
CA SER A 349 -11.89 -11.87 -0.80
C SER A 349 -10.61 -12.72 -0.74
N LYS A 350 -10.67 -13.90 -1.35
CA LYS A 350 -9.53 -14.79 -1.42
C LYS A 350 -9.71 -15.67 -2.64
N ALA A 351 -8.68 -16.46 -2.95
CA ALA A 351 -8.70 -17.40 -4.07
C ALA A 351 -7.52 -18.35 -3.91
N GLY A 352 -7.21 -19.11 -4.97
CA GLY A 352 -6.12 -20.06 -4.89
C GLY A 352 -4.71 -19.50 -4.95
N HIS A 353 -3.74 -20.39 -5.00
CA HIS A 353 -2.33 -20.02 -5.08
C HIS A 353 -2.04 -19.30 -6.37
N ALA A 354 -1.24 -18.24 -6.27
CA ALA A 354 -0.88 -17.46 -7.44
C ALA A 354 0.11 -18.19 -8.33
N THR A 355 -0.11 -18.10 -9.63
CA THR A 355 0.77 -18.73 -10.62
C THR A 355 1.53 -17.66 -11.38
N LYS A 356 1.03 -16.42 -11.33
CA LYS A 356 1.67 -15.28 -11.99
C LYS A 356 1.99 -14.24 -10.93
N VAL A 357 3.25 -13.81 -10.85
CA VAL A 357 3.68 -12.81 -9.88
C VAL A 357 4.32 -11.66 -10.64
N ILE A 358 3.57 -10.57 -10.78
CA ILE A 358 4.03 -9.40 -11.49
C ILE A 358 4.64 -8.32 -10.58
N PHE A 359 5.89 -7.94 -10.86
CA PHE A 359 6.58 -6.89 -10.11
C PHE A 359 6.45 -5.64 -10.96
N LEU A 360 5.64 -4.69 -10.53
CA LEU A 360 5.46 -3.44 -11.27
C LEU A 360 6.51 -2.43 -10.79
N THR A 361 6.96 -1.58 -11.71
CA THR A 361 7.95 -0.56 -11.38
C THR A 361 7.81 0.56 -12.39
N ALA A 362 7.93 1.80 -11.93
CA ALA A 362 7.83 2.97 -12.81
C ALA A 362 9.22 3.56 -12.92
N ASP A 363 9.94 3.16 -13.95
CA ASP A 363 11.31 3.59 -14.15
C ASP A 363 11.47 4.98 -14.78
N ALA A 364 11.79 5.95 -13.93
CA ALA A 364 11.99 7.34 -14.34
C ALA A 364 13.25 7.51 -15.18
N PHE A 365 14.13 6.51 -15.15
CA PHE A 365 15.36 6.51 -15.92
C PHE A 365 15.13 6.16 -17.39
N GLY A 366 14.00 5.50 -17.67
CA GLY A 366 13.67 5.12 -19.04
C GLY A 366 14.59 4.03 -19.55
N VAL A 367 14.92 3.09 -18.67
CA VAL A 367 15.84 1.99 -18.97
C VAL A 367 15.19 0.60 -19.04
N LEU A 368 14.48 0.20 -17.99
CA LEU A 368 13.85 -1.10 -17.97
C LEU A 368 12.81 -1.25 -19.09
N PRO A 369 12.64 -2.49 -19.61
CA PRO A 369 11.67 -2.72 -20.68
C PRO A 369 10.24 -2.85 -20.14
N PRO A 370 9.23 -2.61 -21.00
CA PRO A 370 7.80 -2.70 -20.64
C PRO A 370 7.47 -4.01 -19.94
N VAL A 371 8.14 -5.09 -20.35
CA VAL A 371 7.94 -6.41 -19.75
C VAL A 371 9.10 -7.36 -20.08
N SER A 372 9.37 -8.25 -19.14
CA SER A 372 10.40 -9.26 -19.27
C SER A 372 10.08 -10.35 -18.28
N ARG A 373 10.23 -11.60 -18.69
CA ARG A 373 9.96 -12.72 -17.79
C ARG A 373 11.24 -12.99 -17.00
N LEU A 374 11.12 -12.95 -15.67
CA LEU A 374 12.25 -13.15 -14.76
C LEU A 374 12.66 -14.60 -14.51
N THR A 375 13.95 -14.78 -14.23
CA THR A 375 14.47 -16.10 -13.88
C THR A 375 14.24 -16.22 -12.37
N ALA A 376 14.40 -17.42 -11.82
CA ALA A 376 14.18 -17.64 -10.39
C ALA A 376 15.07 -16.77 -9.51
N ASP A 377 16.30 -16.54 -9.96
CA ASP A 377 17.26 -15.73 -9.23
C ASP A 377 17.05 -14.25 -9.48
N GLN A 378 16.62 -13.90 -10.69
CA GLN A 378 16.34 -12.50 -11.02
C GLN A 378 15.10 -12.05 -10.26
N THR A 379 14.25 -13.00 -9.90
CA THR A 379 13.03 -12.74 -9.15
C THR A 379 13.38 -12.32 -7.72
N GLN A 380 14.24 -13.11 -7.07
CA GLN A 380 14.66 -12.79 -5.72
C GLN A 380 15.49 -11.52 -5.69
N TYR A 381 16.37 -11.37 -6.67
CA TYR A 381 17.21 -10.19 -6.74
C TYR A 381 16.37 -8.92 -6.81
N HIS A 382 15.39 -8.92 -7.72
CA HIS A 382 14.53 -7.76 -7.87
C HIS A 382 13.51 -7.54 -6.77
N PHE A 383 13.19 -8.61 -6.04
CA PHE A 383 12.24 -8.52 -4.94
C PHE A 383 12.91 -7.72 -3.81
N LEU A 384 14.09 -8.17 -3.38
CA LEU A 384 14.85 -7.52 -2.31
C LEU A 384 15.28 -6.12 -2.72
N SER A 385 15.46 -5.91 -4.03
CA SER A 385 15.85 -4.60 -4.55
C SER A 385 14.75 -3.55 -4.36
N GLY A 386 13.50 -3.92 -4.68
CA GLY A 386 12.36 -3.02 -4.56
C GLY A 386 12.50 -1.67 -5.23
N PHE A 387 12.84 -1.70 -6.51
CA PHE A 387 13.05 -0.47 -7.27
C PHE A 387 11.86 0.19 -7.94
N THR A 388 11.98 1.50 -8.04
CA THR A 388 11.04 2.39 -8.70
C THR A 388 11.77 3.74 -8.70
N ALA A 389 11.40 4.65 -9.58
CA ALA A 389 12.02 5.95 -9.63
C ALA A 389 11.00 6.99 -10.05
N LYS A 390 11.27 8.26 -9.75
CA LYS A 390 10.33 9.32 -10.10
C LYS A 390 11.03 10.52 -10.70
N LEU A 391 10.31 11.31 -11.48
CA LEU A 391 10.87 12.51 -12.08
C LEU A 391 10.69 13.64 -11.08
N ALA A 392 11.49 13.60 -10.02
CA ALA A 392 11.43 14.62 -8.99
C ALA A 392 12.00 15.89 -9.60
N GLY A 393 11.25 16.98 -9.47
CA GLY A 393 11.70 18.24 -10.02
C GLY A 393 11.00 18.61 -11.32
N THR A 394 10.02 17.81 -11.74
CA THR A 394 9.29 18.10 -12.96
C THR A 394 8.57 19.44 -12.88
N GLU A 395 8.35 19.89 -11.64
CA GLU A 395 7.68 21.16 -11.37
C GLU A 395 8.71 22.28 -11.14
N ARG A 396 9.92 21.90 -10.72
CA ARG A 396 10.99 22.87 -10.47
C ARG A 396 11.94 23.06 -11.65
N GLY A 397 11.74 22.30 -12.72
CA GLY A 397 12.59 22.43 -13.88
C GLY A 397 12.62 21.25 -14.82
N ILE A 398 13.69 20.46 -14.75
CA ILE A 398 13.92 19.30 -15.60
C ILE A 398 13.77 17.94 -14.88
N THR A 399 13.77 16.86 -15.67
CA THR A 399 13.63 15.48 -15.18
C THR A 399 14.36 15.13 -13.88
N GLU A 400 15.65 14.78 -13.99
CA GLU A 400 16.46 14.39 -12.84
C GLU A 400 15.79 13.24 -12.06
N PRO A 401 15.81 12.02 -12.62
CA PRO A 401 15.21 10.82 -12.02
C PRO A 401 15.78 10.47 -10.65
N THR A 402 14.88 10.27 -9.70
CA THR A 402 15.24 9.94 -8.34
C THR A 402 14.86 8.49 -8.06
N PRO A 403 15.85 7.66 -7.79
CA PRO A 403 15.60 6.25 -7.51
C PRO A 403 15.08 5.98 -6.11
N THR A 404 14.39 4.86 -5.97
CA THR A 404 13.88 4.45 -4.68
C THR A 404 14.09 2.95 -4.65
N PHE A 405 14.77 2.47 -3.62
CA PHE A 405 15.01 1.05 -3.45
C PHE A 405 14.38 0.64 -2.14
N SER A 406 13.15 0.16 -2.21
CA SER A 406 12.41 -0.29 -1.04
C SER A 406 12.20 -1.80 -1.05
N ALA A 407 12.99 -2.50 -0.25
CA ALA A 407 12.94 -3.95 -0.12
C ALA A 407 11.54 -4.56 -0.11
N CYS A 408 11.35 -5.60 -0.91
CA CYS A 408 10.08 -6.31 -1.02
C CYS A 408 8.96 -5.45 -1.59
N PHE A 409 9.36 -4.39 -2.29
CA PHE A 409 8.45 -3.42 -2.89
C PHE A 409 7.55 -2.74 -1.85
N GLY A 410 8.02 -2.68 -0.61
CA GLY A 410 7.26 -2.05 0.46
C GLY A 410 7.93 -2.08 1.81
N ALA A 411 9.18 -1.64 1.86
CA ALA A 411 9.97 -1.62 3.09
C ALA A 411 9.39 -0.78 4.22
N ALA A 412 8.62 0.25 3.85
CA ALA A 412 7.99 1.15 4.83
C ALA A 412 7.00 0.46 5.77
N PHE A 413 6.64 -0.78 5.44
CA PHE A 413 5.68 -1.51 6.26
C PHE A 413 6.25 -2.82 6.76
N LEU A 414 7.52 -3.05 6.45
CA LEU A 414 8.20 -4.28 6.87
C LEU A 414 8.54 -4.23 8.36
N SER A 415 8.13 -5.26 9.10
CA SER A 415 8.39 -5.34 10.52
C SER A 415 9.46 -6.37 10.83
N LEU A 416 9.79 -7.17 9.83
CA LEU A 416 10.79 -8.20 9.96
C LEU A 416 11.84 -7.90 8.88
N HIS A 417 12.94 -8.64 8.86
CA HIS A 417 13.98 -8.41 7.86
C HIS A 417 13.41 -8.74 6.47
N PRO A 418 13.83 -7.99 5.43
CA PRO A 418 13.29 -8.29 4.09
C PRO A 418 13.54 -9.72 3.59
N THR A 419 14.57 -10.38 4.11
CA THR A 419 14.86 -11.74 3.69
C THR A 419 13.83 -12.72 4.22
N GLN A 420 13.15 -12.36 5.31
CA GLN A 420 12.13 -13.22 5.88
C GLN A 420 10.89 -13.24 4.97
N TYR A 421 10.70 -12.15 4.22
CA TYR A 421 9.58 -12.02 3.29
C TYR A 421 9.94 -12.72 1.98
N ALA A 422 11.20 -12.55 1.57
CA ALA A 422 11.69 -13.17 0.34
C ALA A 422 11.55 -14.67 0.47
N GLU A 423 12.01 -15.22 1.58
CA GLU A 423 11.95 -16.65 1.85
C GLU A 423 10.58 -17.31 1.78
N VAL A 424 9.62 -16.74 2.51
CA VAL A 424 8.28 -17.28 2.55
C VAL A 424 7.61 -17.14 1.18
N LEU A 425 7.97 -16.09 0.45
CA LEU A 425 7.42 -15.84 -0.88
C LEU A 425 7.92 -16.91 -1.85
N VAL A 426 9.23 -17.16 -1.82
CA VAL A 426 9.84 -18.15 -2.69
C VAL A 426 9.28 -19.55 -2.41
N LYS A 427 9.06 -19.85 -1.13
CA LYS A 427 8.51 -21.13 -0.69
C LYS A 427 7.09 -21.31 -1.24
N ARG A 428 6.35 -20.21 -1.34
CA ARG A 428 4.99 -20.27 -1.86
C ARG A 428 5.00 -20.39 -3.38
N MET A 429 5.86 -19.59 -4.03
CA MET A 429 5.98 -19.61 -5.49
C MET A 429 6.42 -20.98 -6.03
N GLN A 430 7.42 -21.59 -5.38
CA GLN A 430 7.91 -22.89 -5.80
C GLN A 430 6.89 -24.01 -5.67
N ALA A 431 6.08 -23.97 -4.61
CA ALA A 431 5.06 -24.99 -4.41
C ALA A 431 3.91 -24.87 -5.40
N ALA A 432 3.69 -23.67 -5.95
CA ALA A 432 2.62 -23.43 -6.91
C ALA A 432 3.13 -23.39 -8.34
N GLY A 433 4.45 -23.31 -8.48
CA GLY A 433 5.06 -23.25 -9.79
C GLY A 433 4.82 -21.89 -10.39
N ALA A 434 4.78 -20.86 -9.55
CA ALA A 434 4.55 -19.50 -10.01
C ALA A 434 5.71 -18.97 -10.85
N GLN A 435 5.39 -18.03 -11.72
CA GLN A 435 6.35 -17.42 -12.62
C GLN A 435 6.33 -15.93 -12.31
N ALA A 436 7.50 -15.30 -12.33
CA ALA A 436 7.60 -13.87 -12.06
C ALA A 436 7.97 -13.04 -13.28
N TYR A 437 7.40 -11.85 -13.38
CA TYR A 437 7.64 -10.95 -14.50
C TYR A 437 7.95 -9.57 -13.96
N LEU A 438 8.64 -8.75 -14.76
CA LEU A 438 8.97 -7.39 -14.37
C LEU A 438 8.30 -6.49 -15.40
N VAL A 439 7.48 -5.56 -14.92
CA VAL A 439 6.78 -4.65 -15.82
C VAL A 439 7.14 -3.20 -15.52
N ASN A 440 7.63 -2.51 -16.52
CA ASN A 440 7.97 -1.11 -16.37
C ASN A 440 6.74 -0.30 -16.80
N THR A 441 5.92 0.09 -15.82
CA THR A 441 4.74 0.89 -16.10
C THR A 441 5.16 2.34 -16.21
N GLY A 442 6.46 2.57 -16.06
CA GLY A 442 7.03 3.90 -16.11
C GLY A 442 7.44 4.51 -17.43
N TRP A 443 8.62 5.12 -17.43
CA TRP A 443 9.13 5.85 -18.59
C TRP A 443 10.03 5.18 -19.64
N ASN A 444 9.99 5.77 -20.83
CA ASN A 444 10.73 5.35 -22.03
C ASN A 444 11.73 6.44 -22.40
N GLY A 445 12.28 6.32 -23.61
CA GLY A 445 13.20 7.31 -24.14
C GLY A 445 12.42 8.49 -24.69
N THR A 446 11.09 8.37 -24.66
CA THR A 446 10.18 9.41 -25.12
C THR A 446 10.01 10.48 -24.06
N GLY A 447 10.49 10.20 -22.85
CA GLY A 447 10.35 11.14 -21.76
C GLY A 447 8.92 11.07 -21.24
N LYS A 448 8.12 10.19 -21.84
CA LYS A 448 6.73 10.01 -21.43
C LYS A 448 6.56 8.63 -20.84
N ARG A 449 5.49 8.48 -20.05
CA ARG A 449 5.18 7.22 -19.42
C ARG A 449 4.47 6.35 -20.46
N ILE A 450 4.69 5.04 -20.41
CA ILE A 450 4.02 4.18 -21.38
C ILE A 450 2.51 4.23 -21.12
N SER A 451 1.72 4.14 -22.19
CA SER A 451 0.27 4.21 -22.05
C SER A 451 -0.32 3.06 -21.26
N ILE A 452 -1.42 3.36 -20.58
CA ILE A 452 -2.14 2.37 -19.78
C ILE A 452 -2.71 1.28 -20.71
N LYS A 453 -2.92 1.62 -21.98
CA LYS A 453 -3.45 0.69 -22.96
C LYS A 453 -2.42 -0.39 -23.26
N ASP A 454 -1.19 0.02 -23.53
CA ASP A 454 -0.10 -0.91 -23.81
C ASP A 454 0.19 -1.76 -22.59
N THR A 455 0.15 -1.12 -21.42
CA THR A 455 0.42 -1.81 -20.17
C THR A 455 -0.63 -2.86 -19.87
N ARG A 456 -1.90 -2.54 -20.12
CA ARG A 456 -2.95 -3.51 -19.87
C ARG A 456 -2.85 -4.66 -20.90
N ALA A 457 -2.50 -4.30 -22.14
CA ALA A 457 -2.31 -5.30 -23.21
C ALA A 457 -1.16 -6.23 -22.84
N ILE A 458 -0.17 -5.69 -22.12
CA ILE A 458 1.00 -6.46 -21.66
C ILE A 458 0.58 -7.42 -20.55
N ILE A 459 -0.28 -6.93 -19.64
CA ILE A 459 -0.77 -7.77 -18.53
C ILE A 459 -1.64 -8.91 -19.05
N ASP A 460 -2.41 -8.66 -20.10
CA ASP A 460 -3.25 -9.71 -20.71
C ASP A 460 -2.33 -10.83 -21.22
N ALA A 461 -1.29 -10.42 -21.95
CA ALA A 461 -0.28 -11.31 -22.54
C ALA A 461 0.42 -12.19 -21.50
N ILE A 462 0.70 -11.60 -20.33
CA ILE A 462 1.35 -12.32 -19.24
C ILE A 462 0.38 -13.38 -18.72
N LEU A 463 -0.86 -12.96 -18.49
CA LEU A 463 -1.89 -13.84 -17.95
C LEU A 463 -2.43 -14.94 -18.85
N ASN A 464 -2.59 -14.66 -20.15
CA ASN A 464 -3.12 -15.67 -21.06
C ASN A 464 -2.05 -16.58 -21.65
N GLY A 465 -0.79 -16.40 -21.22
CA GLY A 465 0.28 -17.26 -21.69
C GLY A 465 0.97 -16.81 -22.95
N SER A 466 0.57 -15.67 -23.52
CA SER A 466 1.17 -15.18 -24.74
C SER A 466 2.64 -14.80 -24.57
N LEU A 467 2.95 -14.16 -23.44
CA LEU A 467 4.31 -13.72 -23.13
C LEU A 467 5.23 -14.94 -22.99
N ASP A 468 4.70 -16.02 -22.45
CA ASP A 468 5.45 -17.25 -22.25
C ASP A 468 5.72 -18.03 -23.55
N ASN A 469 4.81 -17.88 -24.52
CA ASN A 469 4.94 -18.57 -25.80
C ASN A 469 5.72 -17.77 -26.83
N ALA A 470 5.94 -16.49 -26.55
CA ALA A 470 6.67 -15.62 -27.48
C ALA A 470 8.17 -15.87 -27.51
N GLU A 471 8.77 -15.60 -28.66
CA GLU A 471 10.21 -15.77 -28.81
C GLU A 471 10.84 -14.54 -28.20
N THR A 472 11.84 -14.75 -27.37
CA THR A 472 12.50 -13.66 -26.68
C THR A 472 14.00 -13.62 -26.95
N PHE A 473 14.61 -12.51 -26.54
CA PHE A 473 16.04 -12.33 -26.67
C PHE A 473 16.47 -11.56 -25.42
N THR A 474 17.74 -11.65 -25.08
CA THR A 474 18.23 -10.99 -23.89
C THR A 474 18.64 -9.53 -24.01
N LEU A 475 17.98 -8.67 -23.23
CA LEU A 475 18.32 -7.25 -23.20
C LEU A 475 19.61 -7.19 -22.39
N PRO A 476 20.64 -6.51 -22.91
CA PRO A 476 21.92 -6.38 -22.22
C PRO A 476 21.89 -5.55 -20.93
N MET A 477 22.97 -5.65 -20.16
CA MET A 477 23.16 -4.96 -18.87
C MET A 477 22.35 -5.66 -17.79
N PHE A 478 21.03 -5.61 -17.94
CA PHE A 478 20.13 -6.24 -16.99
C PHE A 478 19.88 -7.71 -17.26
N ASN A 479 20.21 -8.15 -18.48
CA ASN A 479 20.06 -9.55 -18.91
C ASN A 479 18.64 -10.07 -18.79
N LEU A 480 17.71 -9.24 -19.26
CA LEU A 480 16.30 -9.54 -19.18
C LEU A 480 15.72 -10.03 -20.49
N ALA A 481 15.00 -11.14 -20.42
CA ALA A 481 14.35 -11.75 -21.58
C ALA A 481 13.15 -10.91 -21.95
N ILE A 482 13.18 -10.33 -23.14
CA ILE A 482 12.08 -9.50 -23.62
C ILE A 482 11.55 -10.07 -24.93
N PRO A 483 10.22 -10.11 -25.08
CA PRO A 483 9.60 -10.64 -26.30
C PRO A 483 9.91 -9.81 -27.54
N THR A 484 9.87 -10.48 -28.69
CA THR A 484 10.09 -9.81 -29.96
C THR A 484 8.79 -9.12 -30.29
N GLU A 485 7.68 -9.70 -29.83
CA GLU A 485 6.37 -9.13 -30.07
C GLU A 485 5.28 -9.76 -29.22
N LEU A 486 4.26 -8.96 -28.93
CA LEU A 486 3.12 -9.37 -28.14
C LEU A 486 1.82 -8.87 -28.74
N PRO A 487 0.74 -9.65 -28.58
CA PRO A 487 -0.57 -9.27 -29.10
C PRO A 487 -1.09 -7.98 -28.44
N GLY A 488 -1.56 -7.04 -29.26
CA GLY A 488 -2.10 -5.80 -28.74
C GLY A 488 -1.11 -4.77 -28.22
N VAL A 489 0.17 -5.14 -28.17
CA VAL A 489 1.20 -4.22 -27.70
C VAL A 489 2.01 -3.69 -28.87
N ASP A 490 2.37 -2.42 -28.83
CA ASP A 490 3.21 -1.84 -29.89
C ASP A 490 4.56 -2.52 -29.75
N THR A 491 5.06 -3.05 -30.86
CA THR A 491 6.34 -3.77 -30.86
C THR A 491 7.56 -2.89 -30.61
N LYS A 492 7.49 -1.64 -31.08
CA LYS A 492 8.57 -0.69 -30.94
C LYS A 492 9.01 -0.45 -29.49
N ILE A 493 8.03 -0.27 -28.60
CA ILE A 493 8.32 -0.04 -27.20
C ILE A 493 8.81 -1.25 -26.43
N LEU A 494 8.55 -2.45 -26.95
CA LEU A 494 8.95 -3.70 -26.29
C LEU A 494 10.43 -3.74 -25.94
N ASP A 495 11.26 -3.17 -26.81
CA ASP A 495 12.70 -3.08 -26.57
C ASP A 495 12.98 -1.60 -26.24
N PRO A 496 13.38 -1.30 -25.01
CA PRO A 496 13.67 0.07 -24.56
C PRO A 496 14.63 0.90 -25.40
N ARG A 497 15.57 0.25 -26.09
CA ARG A 497 16.54 0.96 -26.92
C ARG A 497 15.94 1.67 -28.11
N ASN A 498 14.77 1.18 -28.54
CA ASN A 498 14.07 1.72 -29.71
C ASN A 498 13.48 3.11 -29.52
N THR A 499 13.21 3.47 -28.27
CA THR A 499 12.60 4.76 -27.94
C THR A 499 13.61 5.92 -27.84
N TYR A 500 14.89 5.59 -27.99
CA TYR A 500 15.97 6.57 -27.97
C TYR A 500 16.46 6.81 -29.37
N ALA A 501 17.32 7.83 -29.55
CA ALA A 501 17.87 8.15 -30.86
C ALA A 501 18.86 7.07 -31.27
N SER A 502 19.46 6.43 -30.26
CA SER A 502 20.42 5.36 -30.48
C SER A 502 20.49 4.52 -29.22
N PRO A 503 20.82 3.24 -29.36
CA PRO A 503 20.93 2.30 -28.24
C PRO A 503 22.06 2.72 -27.31
N GLU A 504 22.93 3.61 -27.79
CA GLU A 504 24.05 4.11 -27.00
C GLU A 504 23.51 5.08 -25.96
N GLN A 505 22.45 5.81 -26.32
CA GLN A 505 21.82 6.75 -25.41
C GLN A 505 21.13 5.96 -24.32
N TRP A 506 20.57 4.80 -24.71
CA TRP A 506 19.91 3.95 -23.74
C TRP A 506 20.98 3.38 -22.83
N GLN A 507 22.11 3.01 -23.43
CA GLN A 507 23.25 2.42 -22.73
C GLN A 507 23.76 3.29 -21.59
N GLU A 508 23.87 4.60 -21.85
CA GLU A 508 24.34 5.55 -20.84
C GLU A 508 23.51 5.45 -19.59
N LYS A 509 22.20 5.48 -19.78
CA LYS A 509 21.25 5.39 -18.68
C LYS A 509 21.25 4.03 -18.02
N ALA A 510 21.35 2.96 -18.81
CA ALA A 510 21.37 1.61 -18.25
C ALA A 510 22.58 1.47 -17.34
N GLU A 511 23.67 2.15 -17.69
CA GLU A 511 24.91 2.12 -16.90
C GLU A 511 24.74 2.84 -15.56
N THR A 512 24.10 4.01 -15.60
CA THR A 512 23.85 4.81 -14.41
C THR A 512 22.92 4.06 -13.44
N LEU A 513 21.82 3.52 -13.99
CA LEU A 513 20.85 2.77 -13.19
C LEU A 513 21.42 1.47 -12.62
N ALA A 514 22.28 0.83 -13.40
CA ALA A 514 22.90 -0.43 -12.99
C ALA A 514 23.78 -0.23 -11.76
N LYS A 515 24.54 0.87 -11.74
CA LYS A 515 25.42 1.15 -10.59
C LYS A 515 24.59 1.44 -9.34
N LEU A 516 23.41 2.03 -9.55
CA LEU A 516 22.48 2.33 -8.45
C LEU A 516 22.03 1.02 -7.83
N PHE A 517 21.63 0.09 -8.69
CA PHE A 517 21.19 -1.25 -8.27
C PHE A 517 22.30 -1.99 -7.55
N ILE A 518 23.48 -1.99 -8.18
CA ILE A 518 24.65 -2.68 -7.63
C ILE A 518 25.00 -2.16 -6.24
N ASP A 519 25.03 -0.85 -6.08
CA ASP A 519 25.35 -0.25 -4.79
C ASP A 519 24.31 -0.62 -3.73
N ASN A 520 23.05 -0.56 -4.13
CA ASN A 520 21.96 -0.88 -3.23
C ASN A 520 21.90 -2.33 -2.78
N PHE A 521 22.22 -3.26 -3.69
CA PHE A 521 22.14 -4.67 -3.36
C PHE A 521 23.27 -5.19 -2.50
N ASP A 522 24.36 -4.42 -2.40
CA ASP A 522 25.52 -4.84 -1.62
C ASP A 522 25.21 -5.28 -0.19
N LYS A 523 24.27 -4.59 0.46
CA LYS A 523 23.90 -4.92 1.83
C LYS A 523 23.29 -6.31 2.03
N TYR A 524 22.86 -6.96 0.94
CA TYR A 524 22.26 -8.30 1.04
C TYR A 524 23.28 -9.43 0.84
N THR A 525 24.46 -9.07 0.34
CA THR A 525 25.51 -10.04 0.06
C THR A 525 26.29 -10.50 1.30
N ASP A 526 25.74 -10.23 2.48
CA ASP A 526 26.36 -10.63 3.74
C ASP A 526 26.17 -12.12 4.01
N THR A 527 25.29 -12.75 3.22
CA THR A 527 25.01 -14.18 3.33
C THR A 527 25.46 -14.83 2.02
N PRO A 528 25.75 -16.14 2.05
CA PRO A 528 26.18 -16.87 0.86
C PRO A 528 25.14 -16.80 -0.27
N ALA A 529 23.88 -16.94 0.11
CA ALA A 529 22.77 -16.89 -0.85
C ALA A 529 22.65 -15.51 -1.50
N GLY A 530 22.82 -14.47 -0.69
CA GLY A 530 22.73 -13.12 -1.21
C GLY A 530 23.90 -12.78 -2.09
N ALA A 531 25.03 -13.42 -1.81
CA ALA A 531 26.26 -13.21 -2.59
C ALA A 531 26.12 -13.82 -3.97
N ALA A 532 25.36 -14.91 -4.04
CA ALA A 532 25.10 -15.62 -5.28
C ALA A 532 24.13 -14.88 -6.20
N LEU A 533 23.17 -14.18 -5.60
CA LEU A 533 22.18 -13.44 -6.37
C LEU A 533 22.75 -12.26 -7.14
N VAL A 534 23.94 -11.81 -6.75
CA VAL A 534 24.56 -10.68 -7.42
C VAL A 534 24.69 -10.98 -8.92
N ALA A 535 24.92 -12.25 -9.25
CA ALA A 535 25.05 -12.69 -10.64
C ALA A 535 23.76 -12.45 -11.42
N ALA A 536 22.64 -12.42 -10.69
CA ALA A 536 21.31 -12.21 -11.27
C ALA A 536 20.98 -10.74 -11.55
N GLY A 537 21.69 -9.82 -10.90
CA GLY A 537 21.40 -8.43 -11.13
C GLY A 537 22.06 -7.84 -12.35
N PRO A 538 21.92 -6.54 -12.60
CA PRO A 538 22.54 -5.94 -13.77
C PRO A 538 24.07 -6.05 -13.63
N LYS A 539 24.77 -6.03 -14.75
CA LYS A 539 26.23 -6.15 -14.72
C LYS A 539 26.86 -5.16 -15.68
N LEU A 540 27.82 -4.39 -15.19
CA LEU A 540 28.51 -3.43 -16.02
C LEU A 540 29.50 -4.13 -16.94
MG MG B . -3.04 1.39 -4.76
PB ADP C . -0.49 1.86 -6.84
O1B ADP C . 0.63 0.96 -7.18
O2B ADP C . -1.79 1.23 -6.57
O3B ADP C . -0.03 3.03 -5.84
PA ADP C . -2.08 3.20 -8.74
O1A ADP C . -2.45 2.02 -9.54
O2A ADP C . -3.04 3.82 -7.82
O3A ADP C . -0.66 2.92 -7.99
O5' ADP C . -1.51 4.34 -9.65
C5' ADP C . -0.78 4.35 -10.87
C4' ADP C . -0.87 5.77 -11.36
O4' ADP C . -0.15 5.90 -12.58
C3' ADP C . -2.34 6.15 -11.65
O3' ADP C . -2.47 7.57 -11.36
C2' ADP C . -2.41 5.86 -13.15
O2' ADP C . -3.47 6.55 -13.84
C1' ADP C . -1.03 6.31 -13.62
N9 ADP C . -0.50 5.59 -14.81
C8 ADP C . -0.07 6.19 -15.98
N7 ADP C . 0.36 5.32 -16.86
C5 ADP C . 0.22 4.08 -16.25
C6 ADP C . 0.51 2.77 -16.68
N6 ADP C . 1.03 2.51 -17.87
N1 ADP C . 0.25 1.76 -15.83
C2 ADP C . -0.27 2.03 -14.62
N3 ADP C . -0.59 3.22 -14.11
C4 ADP C . -0.32 4.23 -14.99
AL AF3 D . 0.05 2.39 -3.05
F1 AF3 D . 0.21 4.10 -3.55
F2 AF3 D . 1.10 1.70 -1.72
F3 AF3 D . -1.19 1.40 -3.85
C PYR E . -0.43 5.31 1.85
O PYR E . 0.63 4.77 2.21
OXT PYR E . -0.54 6.54 1.77
CA PYR E . -1.53 4.50 1.54
O3 PYR E . -1.86 4.30 0.35
CB PYR E . -2.25 3.93 2.63
#